data_4GCH
#
_entry.id   4GCH
#
_cell.length_a   69.700
_cell.length_b   69.700
_cell.length_c   97.500
_cell.angle_alpha   90.00
_cell.angle_beta   90.00
_cell.angle_gamma   90.00
#
_symmetry.space_group_name_H-M   'P 42 21 2'
#
loop_
_entity.id
_entity.type
_entity.pdbx_description
1 polymer 'GAMMA-CHYMOTRYPSIN A'
2 polymer 'GAMMA-CHYMOTRYPSIN A'
3 polymer 'GAMMA-CHYMOTRYPSIN A'
4 non-polymer '3-(4-DIETHYLAMINO-2-HYDROXY-PHENYL)-2-METHYL-PROPIONIC ACID'
5 water water
#
loop_
_entity_poly.entity_id
_entity_poly.type
_entity_poly.pdbx_seq_one_letter_code
_entity_poly.pdbx_strand_id
1 'polypeptide(L)' CGVPAIQPVLSGL E
2 'polypeptide(L)'
;IVNGEEAVPGSWPWQVSLQDKTGFHFCGGSLINENWVVTAAHCGVTTSDVVVAGEFDQGSSSEKIQKLKIAKVFKNSKYN
SLTINNDITLLKLSTAASFSQTVSAVCLPSASDDFAAGTTCVTTGWGLTRY
;
F
3 'polypeptide(L)'
;ANTPDRLQQASLPLLSNTNCKKYWGTKIKDAMICAGASGVSSCMGDSGGPLVCKKNGAWTLVGIVSWGSSTCSTSTPGVY
ARVTALVNWVQQTLAAN
;
G
#
loop_
_chem_comp.id
_chem_comp.type
_chem_comp.name
_chem_comp.formula
DMC non-polymer '3-(4-DIETHYLAMINO-2-HYDROXY-PHENYL)-2-METHYL-PROPIONIC ACID' 'C14 H19 N O3'
#
# COMPACT_ATOMS: atom_id res chain seq x y z
N CYS A 1 -15.90 -4.41 -3.68
CA CYS A 1 -14.44 -4.16 -3.35
C CYS A 1 -14.26 -4.78 -1.97
N GLY A 2 -13.09 -4.98 -1.52
CA GLY A 2 -12.66 -5.39 -0.25
C GLY A 2 -12.91 -6.66 0.44
N VAL A 3 -13.45 -7.66 -0.23
CA VAL A 3 -13.67 -8.95 0.51
C VAL A 3 -13.08 -10.08 -0.30
N PRO A 4 -11.91 -10.55 0.08
CA PRO A 4 -11.13 -11.55 -0.67
C PRO A 4 -11.89 -12.81 -1.03
N ALA A 5 -11.47 -13.48 -2.11
CA ALA A 5 -12.18 -14.75 -2.47
C ALA A 5 -11.57 -15.82 -1.59
N ILE A 6 -10.33 -15.58 -1.25
CA ILE A 6 -9.51 -16.38 -0.33
C ILE A 6 -9.38 -15.61 1.05
N GLN A 7 -10.01 -16.00 2.10
CA GLN A 7 -10.02 -15.17 3.35
C GLN A 7 -8.75 -15.21 4.14
N PRO A 8 -8.20 -14.02 4.47
CA PRO A 8 -6.93 -13.86 5.18
C PRO A 8 -6.97 -14.38 6.61
N VAL A 9 -5.87 -14.98 7.04
CA VAL A 9 -5.69 -15.56 8.39
C VAL A 9 -4.69 -14.80 9.25
N LEU A 10 -5.11 -14.30 10.42
CA LEU A 10 -4.18 -13.57 11.29
C LEU A 10 -3.74 -14.21 12.60
N SER A 11 -2.42 -14.60 12.42
N ILE B 1 8.50 -5.52 6.08
CA ILE B 1 7.84 -5.76 7.38
C ILE B 1 8.80 -6.48 8.31
N VAL B 2 9.19 -5.84 9.43
CA VAL B 2 10.09 -6.49 10.42
C VAL B 2 9.09 -7.19 11.36
N ASN B 3 9.21 -8.51 11.44
CA ASN B 3 8.22 -9.22 12.27
C ASN B 3 6.81 -9.55 11.84
N GLY B 4 6.65 -9.70 10.57
CA GLY B 4 5.32 -9.98 9.94
C GLY B 4 5.25 -11.48 9.81
N GLU B 5 4.21 -12.03 9.26
CA GLU B 5 4.23 -13.55 9.13
C GLU B 5 3.94 -13.65 7.65
N GLU B 6 4.16 -14.72 7.04
CA GLU B 6 3.86 -15.01 5.66
C GLU B 6 2.35 -14.94 5.46
N ALA B 7 1.79 -14.39 4.43
CA ALA B 7 0.34 -14.34 4.17
C ALA B 7 -0.13 -15.68 3.58
N VAL B 8 -1.40 -15.99 3.70
CA VAL B 8 -2.02 -17.19 3.02
C VAL B 8 -2.09 -16.77 1.56
N PRO B 9 -1.74 -17.51 0.54
CA PRO B 9 -1.70 -17.06 -0.84
C PRO B 9 -3.02 -16.79 -1.51
N GLY B 10 -3.05 -15.57 -2.03
CA GLY B 10 -4.18 -14.95 -2.71
C GLY B 10 -5.18 -14.32 -1.74
N SER B 11 -4.76 -14.30 -0.45
CA SER B 11 -5.56 -13.72 0.61
C SER B 11 -5.58 -12.18 0.59
N TRP B 12 -4.73 -11.54 -0.21
CA TRP B 12 -4.62 -10.10 -0.35
C TRP B 12 -4.63 -9.77 -1.86
N PRO B 13 -5.80 -9.90 -2.49
CA PRO B 13 -5.92 -9.84 -3.91
C PRO B 13 -5.71 -8.51 -4.57
N TRP B 14 -5.58 -7.42 -3.87
CA TRP B 14 -5.39 -6.07 -4.50
C TRP B 14 -3.94 -5.62 -4.39
N GLN B 15 -3.13 -6.37 -3.66
CA GLN B 15 -1.71 -6.15 -3.56
C GLN B 15 -1.09 -6.55 -4.93
N VAL B 16 -0.28 -5.67 -5.46
CA VAL B 16 0.41 -5.74 -6.70
C VAL B 16 1.87 -5.41 -6.31
N SER B 17 2.73 -5.75 -7.26
CA SER B 17 4.15 -5.41 -6.99
C SER B 17 4.61 -4.62 -8.16
N LEU B 18 5.24 -3.51 -8.04
CA LEU B 18 5.92 -2.74 -9.06
C LEU B 18 7.34 -3.32 -9.18
N GLN B 19 7.77 -3.70 -10.34
CA GLN B 19 9.04 -4.24 -10.76
C GLN B 19 9.59 -3.47 -11.95
N ASP B 20 10.86 -3.27 -12.14
CA ASP B 20 11.51 -2.59 -13.26
C ASP B 20 11.67 -3.50 -14.47
N LYS B 21 12.39 -3.18 -15.56
CA LYS B 21 12.44 -4.14 -16.70
C LYS B 21 13.45 -5.24 -16.36
N THR B 22 14.17 -5.03 -15.31
CA THR B 22 15.13 -5.95 -14.71
C THR B 22 14.39 -7.03 -13.91
N GLY B 23 13.23 -6.77 -13.37
CA GLY B 23 12.45 -7.82 -12.69
C GLY B 23 12.38 -7.61 -11.20
N PHE B 24 13.16 -6.68 -10.72
CA PHE B 24 13.37 -6.15 -9.39
C PHE B 24 12.20 -5.37 -8.83
N HIS B 25 11.55 -5.91 -7.80
CA HIS B 25 10.51 -5.35 -6.96
C HIS B 25 11.07 -4.19 -6.14
N PHE B 26 10.42 -3.04 -6.24
CA PHE B 26 10.93 -1.87 -5.52
C PHE B 26 9.89 -1.11 -4.74
N CYS B 27 8.63 -1.39 -4.99
CA CYS B 27 7.47 -0.81 -4.30
C CYS B 27 6.26 -1.73 -4.40
N GLY B 28 5.23 -1.48 -3.60
CA GLY B 28 3.97 -2.29 -3.69
C GLY B 28 2.93 -1.42 -4.39
N GLY B 29 1.66 -1.68 -4.36
CA GLY B 29 0.60 -0.92 -5.04
C GLY B 29 -0.75 -1.53 -4.69
N SER B 30 -1.86 -0.90 -4.81
CA SER B 30 -3.14 -1.60 -4.47
C SER B 30 -4.10 -1.32 -5.64
N LEU B 31 -4.73 -2.36 -6.14
CA LEU B 31 -5.77 -2.38 -7.17
C LEU B 31 -7.02 -1.69 -6.63
N ILE B 32 -7.47 -0.64 -7.33
CA ILE B 32 -8.65 0.09 -6.89
C ILE B 32 -9.83 -0.31 -7.78
N ASN B 33 -9.59 -0.98 -8.87
CA ASN B 33 -10.54 -1.58 -9.79
C ASN B 33 -9.76 -2.16 -10.97
N GLU B 34 -10.38 -2.48 -12.10
CA GLU B 34 -9.55 -3.14 -13.09
C GLU B 34 -8.66 -2.32 -13.94
N ASN B 35 -8.61 -1.04 -14.00
CA ASN B 35 -7.65 -0.27 -14.81
C ASN B 35 -6.83 0.65 -13.90
N TRP B 36 -6.95 0.60 -12.59
CA TRP B 36 -6.27 1.67 -11.80
C TRP B 36 -5.69 1.12 -10.52
N VAL B 37 -4.37 1.34 -10.43
CA VAL B 37 -3.54 0.96 -9.30
C VAL B 37 -3.16 2.18 -8.45
N VAL B 38 -3.21 2.08 -7.12
CA VAL B 38 -2.70 3.21 -6.27
C VAL B 38 -1.34 2.81 -5.71
N THR B 39 -0.34 3.67 -5.71
CA THR B 39 0.94 3.49 -5.07
C THR B 39 1.39 4.80 -4.45
N ALA B 40 2.64 4.89 -4.03
CA ALA B 40 3.22 6.08 -3.36
C ALA B 40 3.79 7.01 -4.40
N ALA B 41 3.76 8.32 -4.21
CA ALA B 41 4.38 9.20 -5.20
C ALA B 41 5.93 9.10 -5.19
N HIS B 42 6.49 8.90 -3.99
CA HIS B 42 7.97 8.80 -3.95
C HIS B 42 8.39 7.52 -4.64
N CYS B 43 7.53 6.59 -4.87
CA CYS B 43 8.07 5.35 -5.55
C CYS B 43 8.69 5.77 -6.89
N GLY B 44 8.37 6.83 -7.53
CA GLY B 44 8.89 7.30 -8.81
C GLY B 44 8.74 6.34 -9.99
N VAL B 45 7.59 5.73 -10.12
CA VAL B 45 7.17 4.79 -11.16
C VAL B 45 7.11 5.47 -12.55
N THR B 46 7.67 4.90 -13.61
CA THR B 46 7.67 5.45 -14.97
C THR B 46 6.87 4.38 -15.76
N THR B 47 6.86 4.50 -17.08
CA THR B 47 6.09 3.46 -17.84
C THR B 47 7.02 2.42 -18.37
N SER B 48 8.31 2.40 -17.97
CA SER B 48 9.14 1.20 -18.39
C SER B 48 8.99 0.13 -17.37
N ASP B 49 8.17 0.45 -16.35
CA ASP B 49 7.81 -0.38 -15.19
C ASP B 49 6.56 -1.22 -15.45
N VAL B 50 6.35 -2.22 -14.56
CA VAL B 50 5.18 -3.10 -14.69
C VAL B 50 4.57 -3.43 -13.34
N VAL B 51 3.30 -3.61 -13.40
CA VAL B 51 2.37 -3.98 -12.33
C VAL B 51 2.23 -5.51 -12.32
N VAL B 52 2.62 -6.19 -11.27
CA VAL B 52 2.49 -7.66 -11.23
C VAL B 52 1.43 -7.96 -10.19
N ALA B 53 0.47 -8.79 -10.54
CA ALA B 53 -0.65 -9.08 -9.70
C ALA B 53 -0.90 -10.56 -9.67
N GLY B 54 -1.43 -10.95 -8.53
CA GLY B 54 -1.79 -12.33 -8.35
C GLY B 54 -0.53 -13.08 -7.96
N GLU B 55 0.48 -12.40 -7.46
CA GLU B 55 1.75 -12.96 -7.02
C GLU B 55 1.65 -13.25 -5.53
N PHE B 56 2.27 -14.34 -5.14
CA PHE B 56 2.46 -14.72 -3.73
C PHE B 56 3.98 -14.81 -3.61
N ASP B 57 4.60 -15.81 -4.14
CA ASP B 57 6.03 -16.10 -4.00
C ASP B 57 6.80 -15.49 -5.14
N GLN B 58 7.54 -14.43 -4.91
CA GLN B 58 8.35 -13.70 -5.88
C GLN B 58 9.27 -14.69 -6.64
N GLY B 59 9.61 -15.75 -5.93
CA GLY B 59 10.58 -16.72 -6.47
C GLY B 59 10.06 -17.91 -7.18
N SER B 60 8.81 -18.17 -7.19
CA SER B 60 8.11 -19.28 -7.81
C SER B 60 7.81 -18.96 -9.29
N SER B 61 8.06 -19.95 -10.13
CA SER B 61 7.82 -19.87 -11.55
C SER B 61 6.46 -20.41 -11.98
N SER B 62 5.82 -21.18 -11.15
CA SER B 62 4.62 -21.88 -11.59
C SER B 62 3.33 -21.15 -11.31
N GLU B 63 3.45 -19.87 -11.05
CA GLU B 63 2.32 -19.01 -10.75
C GLU B 63 1.67 -18.29 -11.93
N LYS B 64 0.36 -18.47 -11.99
CA LYS B 64 -0.51 -17.77 -12.94
C LYS B 64 -0.66 -16.29 -12.55
N ILE B 65 0.39 -15.52 -12.71
CA ILE B 65 0.43 -14.09 -12.38
C ILE B 65 0.08 -13.20 -13.59
N GLN B 66 -0.21 -11.93 -13.38
CA GLN B 66 -0.45 -11.02 -14.50
C GLN B 66 0.55 -9.91 -14.64
N LYS B 67 1.35 -9.89 -15.66
CA LYS B 67 2.28 -8.75 -15.83
C LYS B 67 1.57 -7.65 -16.59
N LEU B 68 1.25 -6.55 -15.94
CA LEU B 68 0.50 -5.40 -16.44
C LEU B 68 1.42 -4.18 -16.66
N LYS B 69 1.27 -3.60 -17.84
CA LYS B 69 1.91 -2.44 -18.43
C LYS B 69 1.25 -1.12 -18.03
N ILE B 70 2.04 -0.13 -17.66
CA ILE B 70 1.57 1.21 -17.27
C ILE B 70 1.37 2.13 -18.46
N ALA B 71 0.21 2.75 -18.50
CA ALA B 71 -0.15 3.64 -19.62
C ALA B 71 0.32 5.07 -19.39
N LYS B 72 -0.07 5.56 -18.22
CA LYS B 72 0.13 6.88 -17.71
C LYS B 72 0.32 6.95 -16.20
N VAL B 73 1.20 7.86 -15.78
CA VAL B 73 1.40 7.98 -14.27
C VAL B 73 0.83 9.32 -13.82
N PHE B 74 0.09 9.33 -12.74
CA PHE B 74 -0.58 10.51 -12.19
C PHE B 74 -0.05 10.77 -10.78
N LYS B 75 0.96 11.65 -10.66
CA LYS B 75 1.52 12.08 -9.38
C LYS B 75 0.48 13.15 -8.92
N ASN B 76 0.08 13.01 -7.69
CA ASN B 76 -0.95 13.95 -7.13
C ASN B 76 -0.20 15.28 -7.26
N SER B 77 -0.81 16.34 -7.79
CA SER B 77 -0.06 17.59 -7.79
C SER B 77 0.13 18.21 -6.41
N LYS B 78 -0.39 17.82 -5.29
CA LYS B 78 -0.05 18.45 -3.99
C LYS B 78 1.16 17.70 -3.34
N TYR B 79 1.54 16.58 -3.85
CA TYR B 79 2.74 15.85 -3.44
C TYR B 79 3.91 16.87 -3.37
N ASN B 80 4.59 16.74 -2.27
CA ASN B 80 5.74 17.50 -1.80
C ASN B 80 6.84 16.57 -1.34
N SER B 81 7.78 16.58 -2.23
CA SER B 81 9.04 15.88 -2.33
C SER B 81 9.97 16.34 -1.22
N LEU B 82 9.72 17.55 -0.76
CA LEU B 82 10.59 18.11 0.26
C LEU B 82 10.10 17.49 1.55
N THR B 83 8.79 17.21 1.54
CA THR B 83 8.25 16.66 2.79
C THR B 83 7.76 15.24 2.68
N ILE B 84 7.61 14.77 1.47
CA ILE B 84 6.94 13.49 1.28
C ILE B 84 5.54 13.61 1.90
N ASN B 85 4.99 14.83 1.71
CA ASN B 85 3.58 15.11 2.03
C ASN B 85 2.73 14.87 0.79
N ASN B 86 1.64 14.13 0.91
CA ASN B 86 0.63 13.77 -0.09
C ASN B 86 1.11 12.83 -1.20
N ASP B 87 1.71 11.77 -0.80
CA ASP B 87 2.49 10.70 -1.36
C ASP B 87 1.63 9.52 -1.82
N ILE B 88 1.04 9.89 -2.93
CA ILE B 88 -0.03 9.17 -3.64
C ILE B 88 0.17 9.45 -5.12
N THR B 89 0.26 8.41 -5.90
CA THR B 89 0.44 8.42 -7.36
C THR B 89 -0.53 7.34 -7.79
N LEU B 90 -1.36 7.81 -8.73
CA LEU B 90 -2.23 6.84 -9.38
C LEU B 90 -1.43 6.32 -10.61
N LEU B 91 -1.79 5.10 -10.93
CA LEU B 91 -1.37 4.37 -12.11
C LEU B 91 -2.59 3.80 -12.86
N LYS B 92 -2.54 4.32 -14.09
CA LYS B 92 -3.47 3.98 -15.20
C LYS B 92 -2.84 2.86 -16.02
N LEU B 93 -3.54 1.78 -16.17
CA LEU B 93 -3.12 0.58 -16.85
C LEU B 93 -3.50 0.49 -18.33
N SER B 94 -2.51 0.13 -19.12
CA SER B 94 -2.69 0.01 -20.58
C SER B 94 -3.46 -1.26 -20.94
N THR B 95 -3.33 -2.25 -20.13
CA THR B 95 -3.86 -3.56 -20.03
C THR B 95 -4.80 -3.80 -18.84
N ALA B 96 -6.08 -4.01 -19.00
CA ALA B 96 -6.98 -4.37 -17.89
C ALA B 96 -6.53 -5.60 -17.09
N ALA B 97 -6.75 -5.48 -15.78
CA ALA B 97 -6.41 -6.59 -14.84
C ALA B 97 -7.61 -7.55 -14.98
N SER B 98 -7.38 -8.82 -14.98
CA SER B 98 -8.43 -9.85 -15.13
C SER B 98 -8.81 -10.19 -13.70
N PHE B 99 -9.98 -9.74 -13.21
CA PHE B 99 -10.26 -10.04 -11.72
C PHE B 99 -10.59 -11.52 -11.63
N SER B 100 -10.40 -12.11 -10.47
CA SER B 100 -10.51 -13.53 -10.24
C SER B 100 -10.55 -13.86 -8.77
N GLN B 101 -10.23 -15.09 -8.45
CA GLN B 101 -10.21 -15.53 -7.06
C GLN B 101 -9.05 -14.87 -6.30
N THR B 102 -8.05 -14.54 -7.13
CA THR B 102 -6.84 -13.93 -6.60
C THR B 102 -6.60 -12.50 -7.04
N VAL B 103 -7.36 -11.83 -7.85
CA VAL B 103 -7.08 -10.46 -8.26
C VAL B 103 -8.38 -9.66 -8.04
N SER B 104 -8.32 -8.68 -7.18
CA SER B 104 -9.50 -7.87 -6.86
C SER B 104 -9.18 -6.53 -6.23
N ALA B 105 -10.23 -5.79 -5.94
CA ALA B 105 -10.11 -4.35 -5.59
C ALA B 105 -10.23 -4.14 -4.11
N VAL B 106 -9.49 -3.20 -3.60
CA VAL B 106 -9.73 -2.88 -2.13
C VAL B 106 -10.75 -1.74 -2.24
N CYS B 107 -11.28 -1.44 -1.07
CA CYS B 107 -12.22 -0.32 -0.99
C CYS B 107 -11.52 0.94 -0.50
N LEU B 108 -11.98 2.00 -1.11
CA LEU B 108 -11.59 3.39 -0.78
C LEU B 108 -12.53 3.90 0.29
N PRO B 109 -12.14 4.67 1.25
CA PRO B 109 -12.99 5.30 2.25
C PRO B 109 -13.66 6.59 1.68
N SER B 110 -14.63 7.11 2.40
CA SER B 110 -15.24 8.41 2.07
C SER B 110 -14.29 9.49 2.60
N ALA B 111 -14.26 10.72 2.10
CA ALA B 111 -13.31 11.71 2.64
C ALA B 111 -13.75 11.80 4.15
N SER B 112 -15.05 11.51 4.27
CA SER B 112 -15.69 11.55 5.57
C SER B 112 -15.18 10.50 6.55
N ASP B 113 -14.78 9.33 6.09
CA ASP B 113 -14.39 8.18 6.90
C ASP B 113 -13.47 8.55 8.08
N ASP B 114 -13.88 8.03 9.20
CA ASP B 114 -13.31 8.00 10.53
C ASP B 114 -12.63 6.61 10.61
N PHE B 115 -11.55 6.57 11.30
CA PHE B 115 -10.69 5.42 11.59
C PHE B 115 -9.83 5.87 12.78
N ALA B 116 -10.21 5.66 13.97
CA ALA B 116 -9.78 5.92 15.29
C ALA B 116 -8.46 5.42 15.82
N ALA B 117 -7.70 6.20 16.56
CA ALA B 117 -6.39 5.73 17.09
C ALA B 117 -6.59 4.59 18.06
N GLY B 118 -5.89 3.49 17.93
CA GLY B 118 -6.04 2.31 18.80
C GLY B 118 -6.60 1.15 17.97
N THR B 119 -7.31 1.48 16.91
CA THR B 119 -7.81 0.51 15.96
C THR B 119 -6.72 -0.30 15.26
N THR B 120 -6.89 -1.62 15.36
CA THR B 120 -5.91 -2.58 14.78
C THR B 120 -6.24 -2.83 13.31
N CYS B 121 -5.18 -2.58 12.54
CA CYS B 121 -5.28 -2.62 11.03
C CYS B 121 -4.17 -3.51 10.54
N VAL B 122 -3.94 -3.67 9.28
CA VAL B 122 -3.04 -4.56 8.56
C VAL B 122 -2.38 -3.93 7.32
N THR B 123 -1.11 -4.21 7.26
CA THR B 123 -0.20 -3.75 6.17
C THR B 123 0.43 -5.04 5.66
N THR B 124 0.70 -5.21 4.44
CA THR B 124 1.22 -6.33 3.67
C THR B 124 2.35 -5.76 2.79
N GLY B 125 3.12 -6.56 2.13
CA GLY B 125 4.14 -6.45 1.20
C GLY B 125 5.36 -7.35 1.22
N TRP B 126 6.19 -6.97 0.20
CA TRP B 126 7.45 -7.70 -0.04
C TRP B 126 8.70 -6.93 0.37
N GLY B 127 8.63 -6.00 1.30
CA GLY B 127 9.74 -5.21 1.85
C GLY B 127 10.71 -5.97 2.76
N LEU B 128 11.88 -5.42 3.02
CA LEU B 128 12.90 -5.97 3.92
C LEU B 128 12.24 -6.49 5.20
N THR B 129 12.58 -7.74 5.49
CA THR B 129 12.04 -8.42 6.66
C THR B 129 13.01 -8.35 7.86
N ARG B 130 14.15 -7.88 7.73
CA ARG B 130 15.29 -7.66 8.57
C ARG B 130 16.08 -6.57 7.81
N TYR B 131 16.53 -5.57 8.53
CA TYR B 131 17.23 -4.45 7.86
C TYR B 131 18.72 -4.50 7.92
N THR C 3 15.07 -9.05 0.52
CA THR C 3 13.55 -8.98 0.22
C THR C 3 13.06 -10.40 0.25
N PRO C 4 11.93 -10.67 0.88
CA PRO C 4 11.41 -12.05 1.02
C PRO C 4 10.83 -12.39 -0.33
N ASP C 5 10.72 -13.67 -0.62
CA ASP C 5 10.10 -14.07 -1.91
C ASP C 5 8.61 -13.98 -1.81
N ARG C 6 7.99 -14.43 -0.75
CA ARG C 6 6.50 -14.45 -0.60
C ARG C 6 6.03 -13.31 0.29
N LEU C 7 4.79 -12.91 0.05
CA LEU C 7 4.05 -11.86 0.70
C LEU C 7 3.88 -11.95 2.19
N GLN C 8 4.26 -10.85 2.83
CA GLN C 8 4.15 -10.77 4.30
C GLN C 8 2.94 -9.92 4.73
N GLN C 9 2.64 -10.09 6.00
CA GLN C 9 1.55 -9.37 6.63
C GLN C 9 1.89 -9.12 8.07
N ALA C 10 1.22 -8.13 8.60
CA ALA C 10 1.30 -7.70 9.99
C ALA C 10 0.07 -6.88 10.37
N SER C 11 -0.39 -7.17 11.61
CA SER C 11 -1.50 -6.39 12.23
C SER C 11 -0.84 -5.25 13.01
N LEU C 12 -1.38 -4.09 13.13
CA LEU C 12 -0.63 -3.02 13.88
C LEU C 12 -1.67 -2.00 14.23
N PRO C 13 -1.50 -1.21 15.26
CA PRO C 13 -2.48 -0.19 15.67
C PRO C 13 -2.20 1.16 15.05
N LEU C 14 -3.20 1.97 14.74
CA LEU C 14 -3.07 3.34 14.23
C LEU C 14 -2.93 4.25 15.49
N LEU C 15 -2.26 5.34 15.40
CA LEU C 15 -2.10 6.26 16.51
C LEU C 15 -2.69 7.59 16.04
N SER C 16 -2.90 8.50 16.99
CA SER C 16 -3.35 9.88 16.66
C SER C 16 -2.17 10.62 16.01
N ASN C 17 -2.40 11.56 15.15
CA ASN C 17 -1.23 12.32 14.58
C ASN C 17 -0.41 12.93 15.74
N THR C 18 -1.17 13.53 16.66
CA THR C 18 -0.81 14.16 17.89
C THR C 18 0.26 13.38 18.68
N ASN C 19 0.05 12.14 19.03
CA ASN C 19 0.98 11.31 19.78
C ASN C 19 2.13 10.90 18.85
N CYS C 20 1.78 11.01 17.55
CA CYS C 20 2.80 10.75 16.51
C CYS C 20 3.92 11.82 16.55
N LYS C 21 3.48 13.06 16.67
CA LYS C 21 4.27 14.27 16.74
C LYS C 21 5.33 14.11 17.82
N LYS C 22 4.93 13.24 18.75
CA LYS C 22 5.88 12.90 19.85
C LYS C 22 7.14 12.37 19.20
N TYR C 23 7.05 11.54 18.20
CA TYR C 23 8.11 10.94 17.42
C TYR C 23 8.74 11.75 16.30
N TRP C 24 7.86 12.19 15.40
CA TRP C 24 8.34 12.80 14.15
C TRP C 24 8.41 14.29 14.26
N GLY C 25 7.85 14.75 15.38
CA GLY C 25 7.82 16.20 15.63
C GLY C 25 7.04 16.87 14.50
N THR C 26 7.70 17.86 13.88
CA THR C 26 6.94 18.60 12.84
C THR C 26 7.05 18.09 11.44
N LYS C 27 7.38 16.81 11.26
CA LYS C 27 7.48 16.10 10.01
C LYS C 27 6.17 15.58 9.48
N ILE C 28 5.26 15.27 10.36
CA ILE C 28 3.91 14.73 10.24
C ILE C 28 2.93 15.84 9.84
N LYS C 29 2.36 15.71 8.67
CA LYS C 29 1.50 16.64 7.94
C LYS C 29 0.10 16.08 7.99
N ASP C 30 -0.95 16.90 7.87
CA ASP C 30 -2.30 16.42 8.02
C ASP C 30 -2.57 15.21 7.13
N ALA C 31 -2.09 15.19 5.91
CA ALA C 31 -2.30 14.11 4.94
C ALA C 31 -1.49 12.87 5.26
N MET C 32 -0.97 12.78 6.45
CA MET C 32 -0.18 11.62 6.89
C MET C 32 -0.85 10.96 8.10
N ILE C 33 -0.83 9.65 8.09
CA ILE C 33 -1.38 8.79 9.13
C ILE C 33 -0.39 7.77 9.71
N CYS C 34 -0.28 7.75 11.05
CA CYS C 34 0.71 6.85 11.71
C CYS C 34 0.19 5.50 12.12
N ALA C 35 1.11 4.58 12.42
CA ALA C 35 0.84 3.21 12.84
C ALA C 35 2.14 2.41 13.09
N GLY C 36 1.93 1.44 13.98
CA GLY C 36 2.98 0.56 14.40
C GLY C 36 3.46 0.85 15.86
N ALA C 37 4.78 0.81 15.97
CA ALA C 37 5.47 0.91 17.26
C ALA C 37 4.80 -0.18 18.09
N SER C 38 4.63 -1.34 17.46
CA SER C 38 3.84 -2.45 18.08
C SER C 38 4.73 -3.68 18.19
N GLY C 39 5.93 -3.53 17.59
CA GLY C 39 6.84 -4.71 17.56
C GLY C 39 6.94 -5.24 16.10
N VAL C 40 6.24 -4.53 15.22
CA VAL C 40 6.24 -4.76 13.77
C VAL C 40 6.65 -3.43 13.14
N SER C 41 7.18 -3.53 11.93
CA SER C 41 7.58 -2.36 11.21
C SER C 41 7.46 -2.70 9.70
N SER C 42 7.02 -1.58 9.09
CA SER C 42 7.00 -1.54 7.59
C SER C 42 8.46 -1.20 7.27
N CYS C 43 8.89 -1.46 6.08
CA CYS C 43 10.32 -1.29 5.72
C CYS C 43 10.57 -1.22 4.24
N MET C 44 11.73 -0.80 3.84
CA MET C 44 12.21 -0.60 2.48
C MET C 44 11.69 -1.74 1.58
N GLY C 45 10.99 -1.15 0.58
CA GLY C 45 10.42 -2.15 -0.41
C GLY C 45 8.93 -2.29 -0.21
N ASP C 46 8.45 -1.89 0.97
CA ASP C 46 7.03 -1.97 1.31
C ASP C 46 6.23 -0.75 0.80
N SER C 47 6.94 0.26 0.42
CA SER C 47 6.33 1.49 -0.02
C SER C 47 5.41 1.41 -1.23
N GLY C 48 4.34 2.20 -1.10
CA GLY C 48 3.32 2.28 -2.18
C GLY C 48 2.22 1.30 -1.87
N GLY C 49 2.53 0.38 -0.99
CA GLY C 49 1.70 -0.70 -0.56
C GLY C 49 0.59 -0.26 0.40
N PRO C 50 -0.26 -1.24 0.69
CA PRO C 50 -1.42 -1.18 1.53
C PRO C 50 -1.36 -1.27 3.04
N LEU C 51 -2.16 -0.32 3.54
CA LEU C 51 -2.63 -0.25 4.91
C LEU C 51 -4.13 -0.24 4.87
N VAL C 52 -4.68 -1.36 5.26
CA VAL C 52 -6.10 -1.65 5.41
C VAL C 52 -6.76 -1.76 6.75
N CYS C 53 -8.00 -1.32 6.87
CA CYS C 53 -8.77 -1.54 8.12
C CYS C 53 -10.08 -2.14 7.56
N LYS C 54 -10.63 -3.00 8.37
CA LYS C 54 -11.95 -3.60 8.27
C LYS C 54 -13.03 -2.63 8.78
N LYS C 55 -13.89 -2.30 7.83
CA LYS C 55 -15.06 -1.48 8.02
C LYS C 55 -16.29 -1.96 7.25
N ASN C 56 -17.13 -2.58 8.12
CA ASN C 56 -18.47 -3.02 7.81
C ASN C 56 -18.50 -4.17 6.78
N GLY C 57 -17.54 -5.06 6.97
CA GLY C 57 -17.38 -6.26 6.18
C GLY C 57 -16.18 -6.26 5.27
N ALA C 58 -15.75 -5.10 4.82
CA ALA C 58 -14.69 -4.93 3.85
C ALA C 58 -13.42 -4.18 4.30
N TRP C 59 -12.38 -4.62 3.60
CA TRP C 59 -11.04 -3.97 3.75
C TRP C 59 -11.11 -2.73 2.87
N THR C 60 -10.77 -1.63 3.49
CA THR C 60 -10.82 -0.25 2.94
C THR C 60 -9.42 0.32 3.04
N LEU C 61 -8.95 0.98 1.98
CA LEU C 61 -7.61 1.53 1.95
C LEU C 61 -7.58 2.71 2.94
N VAL C 62 -6.75 2.54 4.00
CA VAL C 62 -6.64 3.60 5.00
C VAL C 62 -5.31 4.33 4.96
N GLY C 63 -4.25 3.65 4.66
CA GLY C 63 -2.94 4.33 4.42
C GLY C 63 -2.15 3.72 3.28
N ILE C 64 -1.10 4.48 2.94
CA ILE C 64 -0.15 3.98 1.89
C ILE C 64 1.22 4.19 2.56
N VAL C 65 1.84 3.03 2.66
CA VAL C 65 3.21 2.98 3.27
C VAL C 65 4.04 4.09 2.64
N SER C 66 4.55 5.03 3.43
CA SER C 66 5.32 6.14 2.83
C SER C 66 6.69 6.23 3.35
N TRP C 67 6.90 6.45 4.67
CA TRP C 67 8.27 6.55 5.24
C TRP C 67 8.22 6.16 6.73
N GLY C 68 9.40 6.39 7.28
CA GLY C 68 9.65 6.25 8.73
C GLY C 68 11.13 5.99 8.88
N SER C 69 11.41 5.37 9.99
CA SER C 69 12.73 4.96 10.46
C SER C 69 13.60 4.41 9.35
N SER C 70 14.86 4.74 9.29
CA SER C 70 15.77 4.23 8.27
C SER C 70 16.29 2.85 8.60
N THR C 71 15.97 2.45 9.79
CA THR C 71 16.46 1.20 10.40
C THR C 71 15.30 0.26 10.60
N CYS C 72 14.12 0.72 10.23
CA CYS C 72 12.86 -0.01 10.34
C CYS C 72 12.56 -0.49 11.75
N SER C 73 12.86 0.37 12.71
CA SER C 73 12.70 0.16 14.11
C SER C 73 11.24 -0.11 14.46
N THR C 74 10.97 -1.32 14.89
CA THR C 74 9.67 -1.78 15.35
C THR C 74 9.12 -1.01 16.56
N SER C 75 9.83 -0.06 17.07
CA SER C 75 9.48 0.69 18.28
C SER C 75 9.02 2.11 17.92
N THR C 76 9.33 2.52 16.69
CA THR C 76 8.89 3.82 16.17
C THR C 76 7.76 3.52 15.20
N PRO C 77 6.77 4.38 15.12
CA PRO C 77 5.66 4.24 14.16
C PRO C 77 6.04 4.48 12.70
N GLY C 78 5.48 3.75 11.76
CA GLY C 78 5.65 4.04 10.33
C GLY C 78 4.59 5.18 10.04
N VAL C 79 4.92 5.89 9.00
CA VAL C 79 4.12 7.04 8.52
C VAL C 79 3.60 6.62 7.16
N TYR C 80 2.30 6.68 7.01
CA TYR C 80 1.54 6.32 5.82
C TYR C 80 0.84 7.59 5.29
N ALA C 81 0.51 7.45 4.00
CA ALA C 81 -0.26 8.47 3.29
C ALA C 81 -1.63 8.37 3.96
N ARG C 82 -2.35 9.49 4.09
CA ARG C 82 -3.72 9.31 4.64
C ARG C 82 -4.78 9.42 3.54
N VAL C 83 -5.16 8.24 3.03
CA VAL C 83 -6.16 8.06 1.95
C VAL C 83 -7.39 8.95 2.08
N THR C 84 -7.88 9.22 3.25
CA THR C 84 -9.05 10.08 3.58
C THR C 84 -9.02 11.41 2.94
N ALA C 85 -7.82 11.97 2.97
CA ALA C 85 -7.36 13.22 2.47
C ALA C 85 -6.97 13.25 1.02
N LEU C 86 -6.96 12.13 0.32
CA LEU C 86 -6.59 12.07 -1.09
C LEU C 86 -7.54 11.32 -1.98
N VAL C 87 -8.50 10.74 -1.30
CA VAL C 87 -9.58 10.04 -2.02
C VAL C 87 -10.29 11.07 -2.90
N ASN C 88 -10.47 12.31 -2.43
CA ASN C 88 -11.18 13.32 -3.28
C ASN C 88 -10.50 13.53 -4.64
N TRP C 89 -9.21 13.59 -4.66
CA TRP C 89 -8.31 13.71 -5.79
C TRP C 89 -8.28 12.45 -6.62
N VAL C 90 -8.29 11.27 -5.97
CA VAL C 90 -8.31 9.99 -6.70
C VAL C 90 -9.66 9.90 -7.42
N GLN C 91 -10.66 10.10 -6.58
CA GLN C 91 -12.05 10.03 -7.02
C GLN C 91 -12.24 10.85 -8.28
N GLN C 92 -11.52 11.96 -8.31
CA GLN C 92 -11.52 12.96 -9.34
C GLN C 92 -10.77 12.57 -10.62
N THR C 93 -9.56 12.07 -10.43
CA THR C 93 -8.69 11.60 -11.49
C THR C 93 -9.51 10.52 -12.24
N LEU C 94 -10.24 9.69 -11.49
CA LEU C 94 -11.00 8.66 -12.19
C LEU C 94 -12.00 9.26 -13.20
N ALA C 95 -12.65 10.30 -12.84
CA ALA C 95 -13.61 10.97 -13.74
C ALA C 95 -13.05 11.43 -15.07
N ALA C 96 -11.98 12.22 -15.14
CA ALA C 96 -11.44 12.66 -16.38
C ALA C 96 -10.71 11.62 -17.20
N ASN C 97 -10.54 10.39 -16.87
CA ASN C 97 -9.82 9.44 -17.71
C ASN C 97 -10.61 8.11 -17.81
O DMC D . 8.76 3.66 -1.17
C DMC D . 8.69 3.51 0.06
CA DMC D . 9.83 3.30 1.10
CB1 DMC D . 9.05 3.18 2.56
CB2 DMC D . 11.12 3.34 0.47
CG DMC D . 9.87 2.99 4.06
CD1 DMC D . 9.09 2.91 5.19
CE1 DMC D . 9.74 2.83 6.42
CZ DMC D . 11.15 2.79 6.50
CE2 DMC D . 11.88 2.90 5.36
CD2 DMC D . 11.28 3.01 4.17
OH DMC D . 8.04 2.91 5.29
N DMC D . 11.74 2.69 7.57
CH1 DMC D . 13.19 2.32 7.56
CH2 DMC D . 10.48 2.21 8.86
CM1 DMC D . 14.43 2.10 7.32
CM2 DMC D . 8.74 2.03 8.60
#